data_4XE8
#
_entry.id   4XE8
#
_cell.length_a   55.657
_cell.length_b   73.032
_cell.length_c   114.269
_cell.angle_alpha   90.000
_cell.angle_beta   90.000
_cell.angle_gamma   90.000
#
_symmetry.space_group_name_H-M   'P 2 21 21'
#
loop_
_entity.id
_entity.type
_entity.pdbx_description
1 polymer 'Uncharacterized protein'
2 non-polymer 'MAGNESIUM ION'
3 non-polymer "ADENOSINE-5'-DIPHOSPHATE"
4 water water
#
_entity_poly.entity_id   1
_entity_poly.type   'polypeptide(L)'
_entity_poly.pdbx_seq_one_letter_code
;MVEQMLSKNMLLGGFDTGNIKAKISFLNEKGNIESFAIPTVIAEAPPAKIDLKSAPSKKNDYVNEKDEDIELLHVRIISN
SLDGDARSRAWYVGAYAKDQEDRQEPTVDEMGKTEDKFSQKNKKLHLIPLFTSMAVAAARIGKEEVSVPFSGGMPIEDYK
LRGEEQILEMLYGEHTVEFLDGTYEGKKIKITINDGTMNVEGVSSVLAILFDIVNGEIVEVEGMDAEIGESYAINDLGAG
TSDNAFFEDGELNKKLSTNTDLGTNKYIDEILKNIKERFMENEILKSFMTDEIESPFKTREDFIQRLVMPEVEKMIEDDT
YKPTFSVKWGPVKENVTDIVMDGMLKYAEDQKASLDKFWDKTNADKNIVVGGGVLFGYAGLRDLKEQDGFILPKNIQESA
YFTSRSYLIANLLEQLNKEGVEA
;
_entity_poly.pdbx_strand_id   A
#
loop_
_chem_comp.id
_chem_comp.type
_chem_comp.name
_chem_comp.formula
ADP non-polymer ADENOSINE-5'-DIPHOSPHATE 'C10 H15 N5 O10 P2'
MG non-polymer 'MAGNESIUM ION' 'Mg 2'
#
# COMPACT_ATOMS: atom_id res chain seq x y z
N LYS A 8 -7.53 -1.34 -25.77
CA LYS A 8 -8.53 -2.00 -24.93
C LYS A 8 -8.09 -3.43 -24.62
N ASN A 9 -8.90 -4.12 -23.81
CA ASN A 9 -8.47 -5.37 -23.18
C ASN A 9 -7.18 -5.13 -22.41
N MET A 10 -7.15 -4.00 -21.72
CA MET A 10 -5.94 -3.51 -21.07
C MET A 10 -6.22 -3.02 -19.65
N LEU A 11 -5.43 -3.51 -18.70
CA LEU A 11 -5.55 -3.05 -17.32
C LEU A 11 -4.50 -1.97 -17.04
N LEU A 12 -4.98 -0.80 -16.61
CA LEU A 12 -4.11 0.33 -16.31
C LEU A 12 -3.93 0.47 -14.80
N GLY A 13 -2.73 0.22 -14.31
CA GLY A 13 -2.51 0.25 -12.87
C GLY A 13 -1.14 0.73 -12.41
N GLY A 14 -1.09 1.18 -11.16
CA GLY A 14 0.17 1.49 -10.50
C GLY A 14 0.40 0.45 -9.42
N PHE A 15 1.64 -0.04 -9.30
CA PHE A 15 1.91 -1.15 -8.41
C PHE A 15 2.96 -0.83 -7.37
N ASP A 16 2.54 -0.81 -6.11
CA ASP A 16 3.40 -0.48 -4.98
C ASP A 16 3.56 -1.68 -4.05
N THR A 17 4.67 -2.39 -4.21
CA THR A 17 4.88 -3.64 -3.48
C THR A 17 5.95 -3.52 -2.39
N GLY A 18 5.56 -3.87 -1.18
CA GLY A 18 6.48 -3.89 -0.04
C GLY A 18 6.42 -5.22 0.69
N ASN A 19 7.01 -5.26 1.88
CA ASN A 19 7.06 -6.49 2.66
C ASN A 19 5.78 -6.76 3.46
N ILE A 20 4.98 -5.71 3.65
CA ILE A 20 3.72 -5.86 4.36
C ILE A 20 2.58 -6.18 3.38
N LYS A 21 2.37 -5.28 2.42
CA LYS A 21 1.29 -5.44 1.45
C LYS A 21 1.78 -5.23 0.02
N ALA A 22 1.04 -5.79 -0.93
CA ALA A 22 1.19 -5.44 -2.33
C ALA A 22 0.02 -4.55 -2.71
N LYS A 23 0.31 -3.30 -3.06
CA LYS A 23 -0.75 -2.33 -3.31
C LYS A 23 -0.90 -2.01 -4.79
N ILE A 24 -2.16 -1.83 -5.22
CA ILE A 24 -2.45 -1.51 -6.60
C ILE A 24 -3.50 -0.42 -6.71
N SER A 25 -3.27 0.54 -7.61
CA SER A 25 -4.27 1.53 -7.96
C SER A 25 -4.53 1.41 -9.46
N PHE A 26 -5.78 1.17 -9.83
CA PHE A 26 -6.11 0.95 -11.24
C PHE A 26 -7.35 1.71 -11.68
N LEU A 27 -7.51 1.86 -13.00
CA LEU A 27 -8.70 2.46 -13.56
C LEU A 27 -9.83 1.45 -13.68
N ASN A 28 -10.94 1.70 -13.03
CA ASN A 28 -12.10 0.82 -13.17
C ASN A 28 -12.88 1.17 -14.43
N GLU A 29 -14.03 0.52 -14.61
CA GLU A 29 -14.81 0.67 -15.83
C GLU A 29 -15.35 2.09 -16.02
N LYS A 30 -15.63 2.77 -14.92
CA LYS A 30 -16.12 4.14 -14.99
C LYS A 30 -14.98 5.15 -14.97
N GLY A 31 -13.78 4.68 -15.33
CA GLY A 31 -12.63 5.55 -15.50
C GLY A 31 -12.07 6.17 -14.25
N ASN A 32 -12.48 5.67 -13.09
CA ASN A 32 -11.99 6.20 -11.81
C ASN A 32 -10.95 5.30 -11.16
N ILE A 33 -10.16 5.88 -10.27
CA ILE A 33 -9.12 5.12 -9.57
C ILE A 33 -9.71 4.22 -8.50
N GLU A 34 -9.31 2.96 -8.51
CA GLU A 34 -9.72 2.00 -7.50
C GLU A 34 -8.49 1.35 -6.87
N SER A 35 -8.43 1.33 -5.54
CA SER A 35 -7.25 0.85 -4.84
C SER A 35 -7.57 -0.25 -3.84
N PHE A 36 -6.67 -1.22 -3.72
CA PHE A 36 -6.72 -2.21 -2.65
C PHE A 36 -5.33 -2.80 -2.42
N ALA A 37 -5.20 -3.62 -1.38
CA ALA A 37 -3.91 -4.22 -1.05
C ALA A 37 -4.03 -5.70 -0.72
N ILE A 38 -3.01 -6.47 -1.09
CA ILE A 38 -2.94 -7.89 -0.75
C ILE A 38 -1.69 -8.14 0.08
N PRO A 39 -1.88 -8.62 1.33
CA PRO A 39 -0.78 -8.92 2.25
C PRO A 39 0.27 -9.83 1.60
N THR A 40 1.54 -9.54 1.82
CA THR A 40 2.61 -10.33 1.23
C THR A 40 2.75 -11.66 1.97
N VAL A 41 1.73 -12.51 1.82
CA VAL A 41 1.72 -13.83 2.44
C VAL A 41 1.15 -14.85 1.48
N ILE A 42 1.84 -15.97 1.33
CA ILE A 42 1.34 -17.08 0.52
C ILE A 42 1.46 -18.39 1.28
N ALA A 43 0.79 -19.42 0.76
CA ALA A 43 0.89 -20.77 1.29
C ALA A 43 0.51 -21.77 0.21
N GLU A 44 1.18 -22.92 0.21
CA GLU A 44 0.86 -23.96 -0.76
C GLU A 44 -0.56 -24.46 -0.55
N ALA A 45 -1.29 -24.64 -1.65
CA ALA A 45 -2.69 -25.02 -1.58
C ALA A 45 -2.99 -26.20 -2.49
N PRO A 46 -3.99 -27.04 -2.11
CA PRO A 46 -4.42 -28.15 -2.95
C PRO A 46 -4.93 -27.69 -4.31
N PRO A 47 -4.84 -28.55 -5.33
CA PRO A 47 -5.23 -28.18 -6.71
C PRO A 47 -6.67 -27.74 -6.83
N ALA A 48 -7.49 -28.01 -5.83
CA ALA A 48 -8.91 -27.65 -5.89
C ALA A 48 -9.48 -27.18 -4.55
N LYS A 49 -10.71 -26.68 -4.61
CA LYS A 49 -11.42 -26.04 -3.51
C LYS A 49 -11.61 -26.95 -2.28
N ILE A 50 -11.64 -26.35 -1.10
CA ILE A 50 -11.95 -27.07 0.13
C ILE A 50 -13.37 -26.75 0.60
N LYS A 66 -16.70 -3.95 1.52
CA LYS A 66 -15.51 -3.32 0.94
C LYS A 66 -14.36 -4.30 0.84
N ASP A 67 -13.90 -4.53 -0.39
CA ASP A 67 -12.80 -5.44 -0.68
C ASP A 67 -13.06 -6.86 -0.17
N GLU A 68 -14.27 -7.36 -0.41
CA GLU A 68 -14.64 -8.70 0.03
C GLU A 68 -14.06 -9.76 -0.89
N ASP A 69 -13.74 -9.37 -2.11
CA ASP A 69 -13.31 -10.31 -3.14
C ASP A 69 -11.88 -10.82 -2.93
N ILE A 70 -11.12 -10.14 -2.05
CA ILE A 70 -9.74 -10.56 -1.77
C ILE A 70 -9.61 -11.26 -0.42
N GLU A 71 -10.73 -11.43 0.27
CA GLU A 71 -10.72 -12.06 1.59
C GLU A 71 -10.41 -13.55 1.49
N LEU A 72 -10.86 -14.18 0.41
CA LEU A 72 -10.56 -15.59 0.18
C LEU A 72 -9.91 -15.76 -1.20
N LEU A 73 -8.59 -15.83 -1.21
CA LEU A 73 -7.86 -15.99 -2.46
C LEU A 73 -7.19 -17.36 -2.56
N HIS A 74 -7.83 -18.25 -3.30
CA HIS A 74 -7.28 -19.57 -3.60
C HIS A 74 -7.12 -19.67 -5.11
N VAL A 75 -5.91 -19.44 -5.59
CA VAL A 75 -5.69 -19.31 -7.03
C VAL A 75 -4.65 -20.27 -7.59
N ARG A 76 -4.83 -20.66 -8.85
CA ARG A 76 -3.82 -21.40 -9.58
C ARG A 76 -3.09 -20.42 -10.50
N ILE A 77 -1.76 -20.45 -10.47
CA ILE A 77 -0.97 -19.51 -11.25
C ILE A 77 -0.01 -20.21 -12.21
N ILE A 78 -0.15 -19.91 -13.50
CA ILE A 78 0.73 -20.48 -14.51
C ILE A 78 1.59 -19.37 -15.11
N SER A 79 2.87 -19.38 -14.78
CA SER A 79 3.78 -18.32 -15.20
C SER A 79 5.21 -18.83 -15.29
N ASN A 80 5.95 -18.37 -16.29
CA ASN A 80 7.35 -18.73 -16.45
C ASN A 80 8.24 -17.88 -15.55
N SER A 81 7.64 -16.90 -14.88
CA SER A 81 8.36 -16.10 -13.90
C SER A 81 8.51 -16.87 -12.59
N LEU A 82 7.81 -17.99 -12.50
CA LEU A 82 7.93 -18.90 -11.36
C LEU A 82 8.73 -20.13 -11.78
N ASP A 83 9.43 -20.74 -10.83
CA ASP A 83 10.30 -21.88 -11.12
C ASP A 83 10.20 -23.00 -10.11
N GLY A 84 10.76 -24.15 -10.44
CA GLY A 84 10.79 -25.29 -9.54
C GLY A 84 9.40 -25.80 -9.21
N ASP A 85 9.18 -26.20 -7.95
CA ASP A 85 7.89 -26.73 -7.54
C ASP A 85 6.87 -25.61 -7.32
N ALA A 86 6.92 -24.59 -8.19
CA ALA A 86 5.98 -23.49 -8.16
C ALA A 86 5.60 -23.07 -9.57
N ARG A 87 6.04 -23.88 -10.53
CA ARG A 87 5.82 -23.64 -11.96
C ARG A 87 4.38 -23.30 -12.26
N SER A 88 3.50 -24.18 -11.81
CA SER A 88 2.07 -24.08 -12.11
C SER A 88 1.22 -24.88 -11.14
N ARG A 89 0.97 -24.31 -9.97
CA ARG A 89 0.19 -24.96 -8.94
C ARG A 89 -0.74 -23.97 -8.26
N ALA A 90 -1.36 -24.39 -7.16
CA ALA A 90 -2.33 -23.56 -6.47
C ALA A 90 -1.75 -22.95 -5.19
N TRP A 91 -2.26 -21.78 -4.84
CA TRP A 91 -1.77 -21.04 -3.67
C TRP A 91 -2.90 -20.39 -2.89
N TYR A 92 -2.73 -20.30 -1.57
CA TYR A 92 -3.54 -19.40 -0.77
C TYR A 92 -2.79 -18.06 -0.73
N VAL A 93 -3.50 -16.96 -1.01
CA VAL A 93 -2.85 -15.67 -1.14
C VAL A 93 -3.46 -14.60 -0.24
N GLY A 94 -2.60 -13.84 0.44
CA GLY A 94 -3.03 -12.71 1.23
C GLY A 94 -3.62 -13.08 2.58
N ALA A 95 -4.78 -12.51 2.88
CA ALA A 95 -5.43 -12.69 4.17
C ALA A 95 -5.71 -14.15 4.48
N TYR A 96 -6.20 -14.89 3.49
CA TYR A 96 -6.56 -16.29 3.68
C TYR A 96 -5.33 -17.17 3.87
N ALA A 97 -4.18 -16.68 3.42
CA ALA A 97 -2.93 -17.41 3.58
C ALA A 97 -2.36 -17.22 4.98
N LYS A 98 -2.69 -16.08 5.58
CA LYS A 98 -2.16 -15.70 6.89
C LYS A 98 -2.63 -16.64 7.99
N ASP A 99 -3.74 -17.34 7.76
CA ASP A 99 -4.29 -18.26 8.74
C ASP A 99 -3.90 -19.70 8.46
N GLN A 100 -2.91 -19.88 7.59
CA GLN A 100 -2.41 -21.22 7.29
C GLN A 100 -1.11 -21.48 8.06
N GLU A 101 -0.98 -22.69 8.59
CA GLU A 101 0.24 -23.10 9.27
C GLU A 101 1.41 -23.08 8.31
N ASP A 102 1.11 -23.36 7.05
CA ASP A 102 2.12 -23.47 5.99
C ASP A 102 2.70 -22.14 5.56
N ARG A 103 2.05 -21.04 5.95
CA ARG A 103 2.26 -19.73 5.34
C ARG A 103 3.73 -19.31 5.23
N GLN A 104 4.08 -18.76 4.08
CA GLN A 104 5.41 -18.20 3.85
C GLN A 104 5.34 -16.69 3.92
N GLU A 105 6.22 -16.10 4.70
CA GLU A 105 6.28 -14.65 4.84
C GLU A 105 7.71 -14.16 4.60
N PRO A 106 7.86 -12.86 4.24
CA PRO A 106 9.20 -12.29 4.10
C PRO A 106 10.01 -12.45 5.39
N THR A 107 11.22 -12.98 5.26
CA THR A 107 12.07 -13.22 6.43
C THR A 107 13.00 -12.03 6.67
N VAL A 108 13.23 -11.74 7.95
CA VAL A 108 14.05 -10.59 8.33
C VAL A 108 15.06 -11.00 9.41
N ASP A 109 16.32 -10.63 9.20
CA ASP A 109 17.36 -10.92 10.17
C ASP A 109 17.18 -10.08 11.43
N GLU A 110 18.06 -10.25 12.41
CA GLU A 110 17.93 -9.54 13.67
C GLU A 110 18.47 -8.11 13.58
N MET A 111 18.80 -7.68 12.37
CA MET A 111 19.27 -6.32 12.13
C MET A 111 18.34 -5.58 11.17
N GLN A 120 15.18 -12.14 -6.50
CA GLN A 120 15.84 -13.21 -5.75
C GLN A 120 15.15 -14.56 -6.00
N LYS A 121 15.16 -15.42 -5.00
CA LYS A 121 14.49 -16.72 -5.11
C LYS A 121 13.45 -16.88 -4.02
N ASN A 122 13.18 -15.78 -3.31
CA ASN A 122 11.97 -15.64 -2.53
C ASN A 122 10.98 -14.81 -3.36
N LYS A 123 11.20 -14.84 -4.67
CA LYS A 123 10.48 -14.01 -5.62
C LYS A 123 8.98 -14.33 -5.69
N LYS A 124 8.62 -15.58 -5.40
CA LYS A 124 7.21 -15.96 -5.46
C LYS A 124 6.42 -15.30 -4.35
N LEU A 125 7.11 -14.90 -3.28
CA LEU A 125 6.50 -14.13 -2.20
C LEU A 125 5.96 -12.80 -2.69
N HIS A 126 6.60 -12.25 -3.73
CA HIS A 126 6.23 -10.94 -4.24
C HIS A 126 5.47 -11.06 -5.57
N LEU A 127 5.90 -11.99 -6.41
CA LEU A 127 5.26 -12.21 -7.70
C LEU A 127 3.80 -12.63 -7.57
N ILE A 128 3.55 -13.62 -6.71
CA ILE A 128 2.22 -14.20 -6.58
C ILE A 128 1.17 -13.20 -6.09
N PRO A 129 1.45 -12.45 -5.00
CA PRO A 129 0.46 -11.43 -4.64
C PRO A 129 0.34 -10.33 -5.69
N LEU A 130 1.42 -10.07 -6.41
CA LEU A 130 1.40 -9.07 -7.48
C LEU A 130 0.48 -9.50 -8.61
N PHE A 131 0.74 -10.70 -9.15
CA PHE A 131 -0.10 -11.25 -10.21
C PHE A 131 -1.55 -11.38 -9.76
N THR A 132 -1.74 -11.78 -8.50
CA THR A 132 -3.08 -11.96 -7.97
C THR A 132 -3.86 -10.65 -7.96
N SER A 133 -3.18 -9.57 -7.59
CA SER A 133 -3.82 -8.25 -7.56
C SER A 133 -4.22 -7.82 -8.97
N MET A 134 -3.40 -8.17 -9.95
CA MET A 134 -3.71 -7.89 -11.34
C MET A 134 -4.96 -8.64 -11.76
N ALA A 135 -5.04 -9.91 -11.35
CA ALA A 135 -6.17 -10.76 -11.69
C ALA A 135 -7.45 -10.26 -11.04
N VAL A 136 -7.37 -9.92 -9.76
CA VAL A 136 -8.53 -9.40 -9.04
C VAL A 136 -9.05 -8.13 -9.69
N ALA A 137 -8.14 -7.25 -10.09
CA ALA A 137 -8.52 -6.01 -10.76
C ALA A 137 -9.21 -6.30 -12.09
N ALA A 138 -8.70 -7.28 -12.82
CA ALA A 138 -9.26 -7.66 -14.10
C ALA A 138 -10.67 -8.23 -13.94
N ALA A 139 -10.85 -9.06 -12.91
CA ALA A 139 -12.14 -9.65 -12.61
C ALA A 139 -13.14 -8.57 -12.18
N ARG A 140 -12.64 -7.53 -11.51
CA ARG A 140 -13.49 -6.43 -11.08
C ARG A 140 -14.07 -5.66 -12.27
N ILE A 141 -13.25 -5.48 -13.30
CA ILE A 141 -13.68 -4.71 -14.47
C ILE A 141 -14.21 -5.62 -15.57
N GLY A 142 -14.37 -6.91 -15.25
CA GLY A 142 -15.03 -7.84 -16.14
C GLY A 142 -14.29 -8.23 -17.40
N LYS A 143 -12.97 -8.31 -17.33
CA LYS A 143 -12.17 -8.77 -18.46
C LYS A 143 -11.44 -10.06 -18.11
N GLU A 144 -11.24 -10.92 -19.10
CA GLU A 144 -10.61 -12.21 -18.88
C GLU A 144 -9.18 -12.22 -19.44
N GLU A 145 -8.88 -11.29 -20.32
CA GLU A 145 -7.55 -11.20 -20.91
C GLU A 145 -7.10 -9.75 -20.96
N VAL A 146 -6.07 -9.44 -20.18
CA VAL A 146 -5.59 -8.07 -20.08
C VAL A 146 -4.09 -7.93 -20.35
N SER A 147 -3.73 -6.95 -21.16
CA SER A 147 -2.33 -6.55 -21.28
C SER A 147 -2.06 -5.53 -20.18
N VAL A 148 -1.01 -5.75 -19.40
CA VAL A 148 -0.75 -4.90 -18.24
C VAL A 148 0.61 -4.22 -18.33
N PRO A 149 0.64 -2.99 -18.85
CA PRO A 149 1.87 -2.20 -18.80
C PRO A 149 2.26 -1.92 -17.35
N PHE A 150 3.45 -2.33 -16.95
CA PHE A 150 3.82 -2.29 -15.54
C PHE A 150 4.36 -0.94 -15.10
N SER A 151 3.60 -0.24 -14.27
CA SER A 151 4.07 1.00 -13.68
C SER A 151 4.26 0.82 -12.18
N GLY A 152 5.52 0.63 -11.78
CA GLY A 152 5.83 0.39 -10.38
C GLY A 152 7.03 1.19 -9.91
N GLY A 153 7.72 0.67 -8.91
CA GLY A 153 8.87 1.34 -8.35
C GLY A 153 9.74 0.38 -7.55
N MET A 154 10.96 0.83 -7.24
CA MET A 154 11.92 -0.02 -6.53
C MET A 154 12.62 0.75 -5.41
N PRO A 155 13.07 0.03 -4.37
CA PRO A 155 13.85 0.66 -3.30
C PRO A 155 15.32 0.82 -3.69
N GLU A 164 16.97 -1.85 -13.23
CA GLU A 164 15.58 -1.62 -13.56
C GLU A 164 15.04 -2.67 -14.53
N GLU A 165 15.65 -2.73 -15.72
CA GLU A 165 15.23 -3.67 -16.75
C GLU A 165 15.42 -5.11 -16.29
N GLN A 166 16.40 -5.32 -15.41
CA GLN A 166 16.65 -6.63 -14.84
C GLN A 166 15.45 -7.10 -14.01
N ILE A 167 14.81 -6.17 -13.31
CA ILE A 167 13.65 -6.49 -12.51
C ILE A 167 12.39 -6.55 -13.39
N LEU A 168 12.33 -5.67 -14.39
CA LEU A 168 11.21 -5.67 -15.32
C LEU A 168 11.11 -6.99 -16.10
N GLU A 169 12.24 -7.50 -16.55
CA GLU A 169 12.28 -8.74 -17.32
C GLU A 169 11.85 -9.94 -16.49
N MET A 170 11.88 -9.80 -15.17
CA MET A 170 11.38 -10.83 -14.28
C MET A 170 9.86 -10.89 -14.30
N LEU A 171 9.25 -9.83 -14.86
CA LEU A 171 7.79 -9.72 -14.89
C LEU A 171 7.24 -9.96 -16.30
N TYR A 172 8.10 -9.90 -17.30
CA TYR A 172 7.67 -10.05 -18.69
C TYR A 172 7.20 -11.47 -18.98
N GLY A 173 6.20 -11.58 -19.84
CA GLY A 173 5.66 -12.87 -20.21
C GLY A 173 4.15 -12.94 -20.03
N GLU A 174 3.61 -14.15 -20.11
CA GLU A 174 2.18 -14.35 -19.97
C GLU A 174 1.87 -15.15 -18.72
N HIS A 175 0.99 -14.60 -17.88
CA HIS A 175 0.66 -15.22 -16.61
C HIS A 175 -0.84 -15.48 -16.50
N THR A 176 -1.20 -16.72 -16.21
CA THR A 176 -2.60 -17.09 -16.07
C THR A 176 -2.94 -17.31 -14.60
N VAL A 177 -4.00 -16.65 -14.14
CA VAL A 177 -4.46 -16.81 -12.76
C VAL A 177 -5.88 -17.35 -12.75
N GLU A 178 -6.05 -18.52 -12.13
CA GLU A 178 -7.36 -19.16 -12.05
C GLU A 178 -7.87 -19.17 -10.62
N PHE A 179 -9.06 -18.61 -10.41
CA PHE A 179 -9.66 -18.61 -9.08
C PHE A 179 -10.37 -19.92 -8.80
N LEU A 180 -9.97 -20.58 -7.72
CA LEU A 180 -10.53 -21.88 -7.36
C LEU A 180 -11.56 -21.74 -6.26
N ASP A 181 -11.73 -20.52 -5.77
CA ASP A 181 -12.67 -20.23 -4.70
C ASP A 181 -12.98 -18.73 -4.68
N GLY A 182 -13.89 -18.31 -3.82
CA GLY A 182 -14.19 -16.91 -3.64
C GLY A 182 -15.13 -16.32 -4.67
N THR A 183 -15.21 -14.99 -4.67
CA THR A 183 -16.13 -14.24 -5.52
C THR A 183 -15.98 -14.57 -7.00
N TYR A 184 -14.76 -14.86 -7.42
CA TYR A 184 -14.46 -15.05 -8.83
C TYR A 184 -14.14 -16.50 -9.16
N GLU A 185 -14.64 -17.42 -8.35
CA GLU A 185 -14.37 -18.85 -8.54
C GLU A 185 -14.76 -19.31 -9.94
N GLY A 186 -13.82 -19.98 -10.60
CA GLY A 186 -14.06 -20.50 -11.94
C GLY A 186 -13.59 -19.55 -13.03
N LYS A 187 -13.20 -18.34 -12.64
CA LYS A 187 -12.74 -17.35 -13.61
C LYS A 187 -11.25 -17.51 -13.90
N LYS A 188 -10.90 -17.37 -15.17
CA LYS A 188 -9.53 -17.55 -15.63
C LYS A 188 -9.04 -16.29 -16.33
N ILE A 189 -8.02 -15.66 -15.76
CA ILE A 189 -7.51 -14.39 -16.29
C ILE A 189 -6.11 -14.54 -16.86
N LYS A 190 -5.94 -14.10 -18.11
CA LYS A 190 -4.66 -14.20 -18.80
C LYS A 190 -3.96 -12.84 -18.84
N ILE A 191 -2.90 -12.71 -18.04
CA ILE A 191 -2.18 -11.44 -17.91
C ILE A 191 -0.97 -11.39 -18.84
N THR A 192 -0.86 -10.30 -19.61
CA THR A 192 0.27 -10.13 -20.51
C THR A 192 1.03 -8.83 -20.20
N ILE A 193 2.30 -8.98 -19.85
CA ILE A 193 3.15 -7.82 -19.55
C ILE A 193 4.26 -7.69 -20.59
N ASN A 194 4.11 -6.72 -21.49
CA ASN A 194 5.06 -6.49 -22.56
C ASN A 194 6.10 -5.44 -22.18
N ASP A 195 5.63 -4.36 -21.57
CA ASP A 195 6.44 -3.18 -21.32
C ASP A 195 6.22 -2.67 -19.90
N GLY A 196 7.09 -1.77 -19.44
CA GLY A 196 6.92 -1.17 -18.13
C GLY A 196 7.90 -0.07 -17.82
N THR A 197 7.90 0.35 -16.56
CA THR A 197 8.84 1.34 -16.04
C THR A 197 8.84 1.27 -14.52
N MET A 198 9.93 1.69 -13.91
CA MET A 198 10.04 1.66 -12.45
C MET A 198 10.05 3.07 -11.87
N ASN A 199 9.59 4.03 -12.67
CA ASN A 199 9.39 5.42 -12.26
C ASN A 199 10.48 5.98 -11.37
N VAL A 200 11.73 5.73 -11.75
CA VAL A 200 12.88 6.12 -10.95
C VAL A 200 13.05 7.63 -10.86
N GLU A 201 13.19 8.28 -12.01
CA GLU A 201 13.47 9.71 -12.05
C GLU A 201 12.23 10.55 -12.29
N GLY A 202 12.38 11.87 -12.19
CA GLY A 202 11.31 12.80 -12.49
C GLY A 202 10.22 12.86 -11.42
N VAL A 203 9.12 13.52 -11.77
CA VAL A 203 8.02 13.75 -10.84
C VAL A 203 7.05 12.57 -10.78
N SER A 204 7.42 11.44 -11.38
CA SER A 204 6.53 10.28 -11.44
C SER A 204 6.09 9.81 -10.06
N SER A 205 7.03 9.79 -9.12
CA SER A 205 6.73 9.32 -7.76
C SER A 205 5.80 10.26 -7.01
N VAL A 206 5.72 11.50 -7.45
CA VAL A 206 5.02 12.54 -6.71
C VAL A 206 3.72 13.01 -7.39
N LEU A 207 3.42 12.43 -8.54
CA LEU A 207 2.29 12.89 -9.36
C LEU A 207 0.95 12.95 -8.63
N ALA A 208 0.77 12.13 -7.60
CA ALA A 208 -0.50 12.08 -6.89
C ALA A 208 -0.71 13.28 -5.97
N ILE A 209 0.32 14.11 -5.82
CA ILE A 209 0.21 15.29 -4.96
C ILE A 209 -0.51 16.43 -5.67
N LEU A 210 -0.58 16.34 -7.00
CA LEU A 210 -1.17 17.42 -7.79
C LEU A 210 -2.34 16.96 -8.65
N PHE A 211 -2.34 15.69 -9.03
CA PHE A 211 -3.32 15.21 -10.00
C PHE A 211 -4.18 14.05 -9.52
N ASP A 212 -5.40 14.01 -10.02
CA ASP A 212 -6.33 12.93 -9.75
C ASP A 212 -6.78 12.34 -11.09
N ILE A 213 -7.49 11.22 -11.04
CA ILE A 213 -8.12 10.69 -12.24
C ILE A 213 -9.59 10.44 -11.98
N VAL A 214 -10.43 11.36 -12.43
CA VAL A 214 -11.88 11.23 -12.34
C VAL A 214 -12.42 11.14 -13.75
N ASN A 215 -12.60 9.91 -14.22
CA ASN A 215 -12.79 9.58 -15.64
C ASN A 215 -11.51 9.89 -16.43
N GLY A 216 -10.81 10.97 -16.06
CA GLY A 216 -9.51 11.28 -16.59
C GLY A 216 -9.47 12.58 -17.37
N GLU A 217 -8.49 13.44 -17.09
CA GLU A 217 -7.50 13.23 -16.04
C GLU A 217 -7.19 14.58 -15.41
N ILE A 218 -7.73 14.82 -14.22
CA ILE A 218 -7.87 16.18 -13.69
C ILE A 218 -6.87 16.54 -12.59
N VAL A 219 -6.70 17.84 -12.36
CA VAL A 219 -5.82 18.34 -11.30
C VAL A 219 -6.53 18.34 -9.95
N GLU A 220 -5.76 18.20 -8.87
CA GLU A 220 -6.32 18.17 -7.53
C GLU A 220 -6.89 19.55 -7.17
N VAL A 221 -7.92 19.54 -6.33
CA VAL A 221 -8.71 20.74 -6.03
C VAL A 221 -7.89 21.88 -5.42
N GLU A 222 -6.78 21.57 -4.76
CA GLU A 222 -5.95 22.60 -4.16
C GLU A 222 -4.46 22.32 -4.32
N GLY A 223 -3.67 23.40 -4.36
CA GLY A 223 -2.25 23.29 -4.60
C GLY A 223 -1.43 24.25 -3.77
N GLY A 229 8.48 22.39 -5.26
CA GLY A 229 9.46 23.29 -5.83
C GLY A 229 10.39 22.61 -6.80
N GLU A 230 11.66 23.01 -6.76
CA GLU A 230 12.67 22.41 -7.63
C GLU A 230 13.44 21.33 -6.87
N SER A 231 13.47 21.46 -5.55
CA SER A 231 14.02 20.43 -4.69
C SER A 231 12.98 20.08 -3.63
N TYR A 232 12.60 18.80 -3.57
CA TYR A 232 11.58 18.37 -2.64
C TYR A 232 11.88 16.97 -2.10
N ALA A 233 11.35 16.70 -0.92
CA ALA A 233 11.46 15.37 -0.33
C ALA A 233 10.10 14.70 -0.29
N ILE A 234 10.05 13.42 -0.67
CA ILE A 234 8.85 12.63 -0.49
C ILE A 234 9.05 11.67 0.67
N ASN A 235 8.25 11.83 1.71
CA ASN A 235 8.34 10.95 2.87
C ASN A 235 7.14 10.01 2.94
N ASP A 236 7.35 8.77 2.56
CA ASP A 236 6.29 7.77 2.53
C ASP A 236 6.26 7.02 3.85
N LEU A 237 5.35 7.40 4.74
CA LEU A 237 5.27 6.81 6.07
C LEU A 237 4.46 5.52 6.04
N GLY A 238 5.14 4.38 6.19
CA GLY A 238 4.50 3.09 6.05
C GLY A 238 4.32 2.29 7.33
N ALA A 239 3.92 1.03 7.16
CA ALA A 239 3.61 0.16 8.30
C ALA A 239 4.86 -0.32 9.03
N GLY A 240 5.83 -0.82 8.28
CA GLY A 240 7.06 -1.31 8.88
C GLY A 240 8.26 -0.47 8.47
N THR A 241 8.04 0.49 7.57
CA THR A 241 9.13 1.31 7.05
C THR A 241 8.73 2.78 6.88
N SER A 242 9.74 3.61 6.63
CA SER A 242 9.54 4.99 6.24
C SER A 242 10.51 5.35 5.12
N ASP A 243 9.97 5.68 3.95
CA ASP A 243 10.82 6.01 2.80
C ASP A 243 11.07 7.52 2.73
N ASN A 244 12.31 7.92 3.01
CA ASN A 244 12.70 9.32 2.90
C ASN A 244 13.49 9.57 1.63
N ALA A 245 12.77 9.89 0.55
CA ALA A 245 13.41 10.15 -0.74
C ALA A 245 13.59 11.65 -0.96
N PHE A 246 14.65 12.01 -1.67
CA PHE A 246 14.94 13.41 -1.95
C PHE A 246 15.19 13.63 -3.43
N PHE A 247 14.32 14.41 -4.06
CA PHE A 247 14.46 14.72 -5.49
C PHE A 247 15.05 16.11 -5.69
N GLU A 248 16.12 16.19 -6.46
CA GLU A 248 16.80 17.45 -6.72
C GLU A 248 16.99 17.65 -8.22
N ASP A 249 16.37 18.71 -8.75
CA ASP A 249 16.47 19.08 -10.16
C ASP A 249 16.08 17.94 -11.10
N GLY A 250 14.91 17.36 -10.86
CA GLY A 250 14.38 16.30 -11.71
C GLY A 250 15.01 14.94 -11.48
N GLU A 251 15.92 14.88 -10.51
CA GLU A 251 16.65 13.65 -10.25
C GLU A 251 16.46 13.16 -8.82
N LEU A 252 16.36 11.84 -8.66
CA LEU A 252 16.40 11.23 -7.34
C LEU A 252 17.83 11.29 -6.81
N ASN A 253 18.01 11.85 -5.62
CA ASN A 253 19.32 11.90 -4.99
C ASN A 253 19.61 10.58 -4.30
N LYS A 254 20.29 9.68 -5.00
CA LYS A 254 20.50 8.31 -4.52
C LYS A 254 21.42 8.27 -3.31
N LYS A 255 22.14 9.37 -3.06
CA LYS A 255 23.03 9.45 -1.91
C LYS A 255 22.25 9.68 -0.62
N LEU A 256 21.38 10.70 -0.63
CA LEU A 256 20.67 11.10 0.58
C LEU A 256 19.37 10.35 0.80
N SER A 257 18.77 9.84 -0.28
CA SER A 257 17.51 9.11 -0.19
C SER A 257 17.67 7.87 0.68
N THR A 258 17.12 7.94 1.89
CA THR A 258 17.28 6.86 2.86
C THR A 258 15.98 6.11 3.10
N ASN A 259 16.08 4.99 3.82
CA ASN A 259 14.92 4.20 4.20
C ASN A 259 15.12 3.62 5.59
N THR A 260 14.16 3.84 6.48
CA THR A 260 14.26 3.38 7.85
C THR A 260 13.13 2.43 8.21
N ASP A 261 13.26 1.76 9.36
CA ASP A 261 12.25 0.84 9.84
C ASP A 261 11.23 1.55 10.71
N LEU A 262 11.28 2.87 10.72
CA LEU A 262 10.34 3.68 11.49
C LEU A 262 8.94 3.57 10.90
N GLY A 263 8.22 2.53 11.29
CA GLY A 263 6.87 2.31 10.79
C GLY A 263 5.83 2.57 11.87
N THR A 264 4.59 2.23 11.57
CA THR A 264 3.50 2.40 12.51
C THR A 264 3.29 1.16 13.37
N ASN A 265 3.70 0.02 12.83
CA ASN A 265 3.41 -1.28 13.45
C ASN A 265 3.86 -1.39 14.90
N LYS A 266 5.05 -0.89 15.19
CA LYS A 266 5.59 -0.93 16.54
C LYS A 266 4.73 -0.11 17.51
N TYR A 267 4.21 1.01 17.02
CA TYR A 267 3.35 1.86 17.84
C TYR A 267 1.97 1.24 17.98
N ILE A 268 1.54 0.53 16.93
CA ILE A 268 0.28 -0.20 16.98
C ILE A 268 0.40 -1.38 17.95
N ASP A 269 1.52 -2.08 17.89
CA ASP A 269 1.77 -3.20 18.79
C ASP A 269 1.69 -2.76 20.25
N GLU A 270 2.30 -1.62 20.54
CA GLU A 270 2.33 -1.10 21.90
C GLU A 270 0.93 -0.75 22.39
N ILE A 271 0.16 -0.07 21.54
CA ILE A 271 -1.21 0.30 21.88
C ILE A 271 -2.04 -0.93 22.21
N LEU A 272 -1.88 -1.97 21.40
CA LEU A 272 -2.62 -3.22 21.60
C LEU A 272 -2.16 -3.95 22.86
N LYS A 273 -0.91 -3.74 23.24
CA LYS A 273 -0.39 -4.31 24.48
C LYS A 273 -1.08 -3.66 25.68
N ASN A 274 -1.21 -2.34 25.63
CA ASN A 274 -1.78 -1.58 26.73
C ASN A 274 -3.30 -1.76 26.85
N ILE A 275 -3.97 -2.00 25.72
CA ILE A 275 -5.40 -2.25 25.73
C ILE A 275 -5.72 -3.57 26.42
N LYS A 276 -5.07 -4.64 25.97
CA LYS A 276 -5.23 -5.96 26.57
C LYS A 276 -4.88 -5.93 28.06
N GLU A 277 -3.84 -5.17 28.38
CA GLU A 277 -3.39 -5.02 29.77
C GLU A 277 -4.42 -4.25 30.59
N ARG A 278 -5.06 -3.27 29.97
CA ARG A 278 -6.11 -2.50 30.62
C ARG A 278 -7.27 -3.40 31.04
N PHE A 279 -7.61 -4.35 30.16
CA PHE A 279 -8.63 -5.34 30.48
C PHE A 279 -8.17 -6.26 31.60
N MET A 280 -7.03 -6.91 31.39
CA MET A 280 -6.46 -7.83 32.37
C MET A 280 -6.01 -7.08 33.63
N PRO A 296 -9.30 -10.18 21.00
CA PRO A 296 -9.75 -8.78 20.91
C PRO A 296 -9.68 -8.26 19.47
N PHE A 297 -8.47 -8.22 18.92
CA PHE A 297 -8.28 -7.98 17.50
C PHE A 297 -7.35 -9.06 16.94
N LYS A 298 -7.70 -9.60 15.77
CA LYS A 298 -6.90 -10.66 15.17
C LYS A 298 -5.63 -10.08 14.53
N THR A 299 -5.79 -9.05 13.70
CA THR A 299 -4.66 -8.45 13.02
C THR A 299 -4.56 -6.95 13.32
N ARG A 300 -3.43 -6.35 12.98
CA ARG A 300 -3.26 -4.90 13.07
C ARG A 300 -4.25 -4.20 12.17
N GLU A 301 -4.46 -4.77 10.98
CA GLU A 301 -5.41 -4.22 10.02
C GLU A 301 -6.82 -4.23 10.60
N ASP A 302 -7.16 -5.30 11.30
CA ASP A 302 -8.45 -5.40 11.97
C ASP A 302 -8.62 -4.25 12.97
N PHE A 303 -7.55 -4.01 13.73
CA PHE A 303 -7.52 -2.91 14.69
C PHE A 303 -7.68 -1.57 14.00
N ILE A 304 -6.94 -1.37 12.91
CA ILE A 304 -6.99 -0.13 12.16
C ILE A 304 -8.35 0.06 11.49
N GLN A 305 -8.85 -0.99 10.85
CA GLN A 305 -10.11 -0.94 10.13
C GLN A 305 -11.32 -0.72 11.04
N ARG A 306 -11.44 -1.56 12.07
CA ARG A 306 -12.65 -1.55 12.90
C ARG A 306 -12.66 -0.44 13.95
N LEU A 307 -11.49 -0.07 14.47
CA LEU A 307 -11.43 0.88 15.57
C LEU A 307 -10.92 2.26 15.15
N VAL A 308 -9.84 2.31 14.38
CA VAL A 308 -9.13 3.56 14.13
C VAL A 308 -9.66 4.36 12.94
N MET A 309 -9.77 3.72 11.78
CA MET A 309 -10.19 4.40 10.55
C MET A 309 -11.47 5.25 10.67
N PRO A 310 -12.53 4.73 11.31
CA PRO A 310 -13.74 5.57 11.44
C PRO A 310 -13.51 6.86 12.21
N GLU A 311 -12.68 6.82 13.24
CA GLU A 311 -12.40 8.01 14.04
C GLU A 311 -11.54 9.01 13.28
N VAL A 312 -10.57 8.50 12.51
CA VAL A 312 -9.68 9.35 11.75
C VAL A 312 -10.45 10.09 10.65
N GLU A 313 -11.40 9.41 10.02
CA GLU A 313 -12.20 10.05 8.99
C GLU A 313 -13.02 11.20 9.55
N LYS A 314 -13.57 11.01 10.75
CA LYS A 314 -14.33 12.06 11.41
C LYS A 314 -13.45 13.25 11.74
N MET A 315 -12.21 12.98 12.15
CA MET A 315 -11.26 14.04 12.46
C MET A 315 -10.89 14.82 11.20
N ILE A 316 -10.82 14.12 10.08
CA ILE A 316 -10.48 14.75 8.80
C ILE A 316 -11.55 15.74 8.34
N GLU A 317 -12.79 15.28 8.27
CA GLU A 317 -13.87 16.10 7.71
C GLU A 317 -14.47 17.06 8.73
N ASP A 318 -13.86 17.17 9.91
CA ASP A 318 -14.31 18.13 10.92
C ASP A 318 -13.22 18.33 11.97
N ASP A 319 -12.70 19.55 12.07
CA ASP A 319 -11.56 19.83 12.94
C ASP A 319 -11.93 19.97 14.43
N THR A 320 -13.22 20.09 14.72
CA THR A 320 -13.63 20.24 16.12
C THR A 320 -13.86 18.88 16.78
N TYR A 321 -13.90 17.83 15.96
CA TYR A 321 -14.21 16.50 16.47
C TYR A 321 -13.07 15.91 17.31
N LYS A 322 -13.41 15.54 18.54
CA LYS A 322 -12.49 14.80 19.40
C LYS A 322 -12.85 13.33 19.38
N PRO A 323 -11.88 12.47 19.04
CA PRO A 323 -12.16 11.04 18.82
C PRO A 323 -12.32 10.22 20.10
N THR A 324 -13.14 9.17 20.01
CA THR A 324 -13.32 8.24 21.11
C THR A 324 -12.98 6.83 20.65
N PHE A 325 -12.26 6.09 21.50
CA PHE A 325 -11.94 4.70 21.20
C PHE A 325 -12.40 3.77 22.32
N SER A 326 -13.33 2.88 22.01
CA SER A 326 -13.79 1.91 22.98
C SER A 326 -13.74 0.51 22.39
N VAL A 327 -13.23 -0.44 23.16
CA VAL A 327 -13.07 -1.82 22.70
C VAL A 327 -14.00 -2.75 23.47
N LYS A 328 -14.71 -3.60 22.73
CA LYS A 328 -15.56 -4.61 23.34
C LYS A 328 -14.88 -5.97 23.33
N TRP A 329 -14.49 -6.44 24.50
CA TRP A 329 -13.82 -7.73 24.62
C TRP A 329 -14.51 -8.58 25.67
N GLY A 330 -15.15 -9.66 25.23
CA GLY A 330 -15.92 -10.51 26.12
C GLY A 330 -17.12 -9.78 26.68
N PRO A 331 -17.39 -9.95 27.98
CA PRO A 331 -18.51 -9.30 28.66
C PRO A 331 -18.15 -7.91 29.17
N VAL A 332 -17.05 -7.35 28.67
CA VAL A 332 -16.55 -6.06 29.14
C VAL A 332 -16.32 -5.09 27.99
N LYS A 333 -16.67 -3.83 28.20
CA LYS A 333 -16.39 -2.77 27.24
C LYS A 333 -15.57 -1.66 27.90
N GLU A 334 -14.39 -1.39 27.34
CA GLU A 334 -13.48 -0.40 27.93
C GLU A 334 -13.26 0.81 27.03
N ASN A 335 -13.27 1.99 27.65
CA ASN A 335 -12.84 3.19 26.96
C ASN A 335 -11.32 3.27 27.00
N VAL A 336 -10.69 3.22 25.83
CA VAL A 336 -9.23 3.23 25.75
C VAL A 336 -8.75 4.38 24.88
N THR A 337 -9.52 5.46 24.85
CA THR A 337 -9.21 6.63 24.05
C THR A 337 -7.83 7.21 24.41
N ASP A 338 -7.56 7.31 25.70
CA ASP A 338 -6.28 7.83 26.17
C ASP A 338 -5.12 6.94 25.72
N ILE A 339 -5.34 5.63 25.72
CA ILE A 339 -4.32 4.68 25.32
C ILE A 339 -3.95 4.81 23.84
N VAL A 340 -4.98 4.85 22.99
CA VAL A 340 -4.78 4.94 21.54
C VAL A 340 -4.15 6.27 21.15
N MET A 341 -4.67 7.36 21.73
CA MET A 341 -4.17 8.70 21.44
C MET A 341 -2.71 8.88 21.85
N ASP A 342 -2.33 8.26 22.96
CA ASP A 342 -0.96 8.33 23.44
C ASP A 342 0.00 7.74 22.41
N GLY A 343 -0.35 6.57 21.88
CA GLY A 343 0.46 5.90 20.89
C GLY A 343 0.50 6.67 19.57
N MET A 344 -0.64 7.24 19.19
CA MET A 344 -0.73 8.04 17.97
C MET A 344 0.20 9.24 18.02
N LEU A 345 0.10 10.01 19.10
CA LEU A 345 0.91 11.22 19.26
C LEU A 345 2.39 10.87 19.42
N LYS A 346 2.67 9.76 20.08
CA LYS A 346 4.04 9.26 20.20
C LYS A 346 4.63 9.00 18.83
N TYR A 347 3.83 8.41 17.94
CA TYR A 347 4.23 8.19 16.56
C TYR A 347 4.40 9.52 15.84
N ALA A 348 3.44 10.41 16.03
CA ALA A 348 3.49 11.73 15.41
C ALA A 348 4.75 12.47 15.80
N GLU A 349 4.97 12.60 17.11
CA GLU A 349 6.15 13.28 17.65
C GLU A 349 7.45 12.69 17.09
N ASP A 350 7.53 11.35 17.06
CA ASP A 350 8.70 10.69 16.53
C ASP A 350 8.87 10.94 15.04
N GLN A 351 7.76 11.03 14.32
CA GLN A 351 7.80 11.34 12.90
C GLN A 351 8.15 12.81 12.67
N LYS A 352 7.61 13.69 13.51
CA LYS A 352 7.94 15.11 13.45
C LYS A 352 9.46 15.30 13.53
N ALA A 353 10.07 14.58 14.48
CA ALA A 353 11.50 14.67 14.72
C ALA A 353 12.30 14.08 13.56
N SER A 354 11.81 12.97 13.01
CA SER A 354 12.49 12.30 11.90
C SER A 354 12.43 13.15 10.63
N LEU A 355 11.30 13.82 10.41
CA LEU A 355 11.10 14.63 9.22
C LEU A 355 11.95 15.89 9.24
N ASP A 356 12.13 16.47 10.43
CA ASP A 356 12.90 17.70 10.58
C ASP A 356 14.37 17.49 10.24
N LYS A 357 14.96 16.42 10.77
CA LYS A 357 16.39 16.18 10.58
C LYS A 357 16.68 15.67 9.18
N PHE A 358 15.65 15.26 8.44
CA PHE A 358 15.82 14.95 7.04
C PHE A 358 15.64 16.22 6.22
N TRP A 359 14.79 17.11 6.72
CA TRP A 359 14.63 18.42 6.13
C TRP A 359 15.97 19.16 6.17
N ASP A 360 16.63 19.13 7.32
CA ASP A 360 17.90 19.81 7.50
C ASP A 360 19.02 19.17 6.68
N LYS A 361 19.03 17.84 6.65
CA LYS A 361 20.08 17.08 5.95
C LYS A 361 20.09 17.37 4.45
N THR A 362 18.89 17.47 3.87
CA THR A 362 18.76 17.73 2.44
C THR A 362 18.58 19.22 2.16
N ASN A 363 18.09 19.94 3.17
CA ASN A 363 17.64 21.32 3.01
C ASN A 363 16.79 21.50 1.77
N ALA A 364 15.80 20.61 1.63
CA ALA A 364 14.84 20.69 0.54
C ALA A 364 13.94 21.90 0.73
N ASP A 365 13.45 22.46 -0.39
CA ASP A 365 12.57 23.61 -0.33
C ASP A 365 11.21 23.23 0.26
N LYS A 366 10.70 22.07 -0.14
CA LYS A 366 9.42 21.59 0.35
C LYS A 366 9.50 20.13 0.79
N ASN A 367 8.73 19.76 1.81
CA ASN A 367 8.71 18.39 2.30
C ASN A 367 7.32 17.78 2.21
N ILE A 368 7.18 16.78 1.36
CA ILE A 368 5.89 16.14 1.14
C ILE A 368 5.78 14.87 1.96
N VAL A 369 4.71 14.75 2.72
CA VAL A 369 4.52 13.62 3.64
C VAL A 369 3.30 12.81 3.25
N VAL A 370 3.51 11.54 2.92
CA VAL A 370 2.45 10.67 2.45
C VAL A 370 2.45 9.33 3.16
N GLY A 371 1.58 8.42 2.73
CA GLY A 371 1.50 7.10 3.31
C GLY A 371 0.41 7.01 4.36
N GLY A 372 0.14 5.79 4.82
CA GLY A 372 -0.89 5.57 5.82
C GLY A 372 -0.55 6.17 7.17
N GLY A 373 0.75 6.38 7.41
CA GLY A 373 1.22 6.97 8.65
C GLY A 373 0.68 8.38 8.87
N VAL A 374 0.43 9.09 7.77
CA VAL A 374 -0.19 10.39 7.83
C VAL A 374 -1.57 10.30 8.47
N LEU A 375 -2.30 9.25 8.12
CA LEU A 375 -3.65 9.03 8.64
C LEU A 375 -3.64 8.49 10.06
N PHE A 376 -2.80 7.50 10.32
CA PHE A 376 -2.70 6.90 11.64
C PHE A 376 -2.29 7.92 12.70
N GLY A 377 -1.36 8.80 12.34
CA GLY A 377 -0.91 9.83 13.26
C GLY A 377 -1.47 11.20 12.92
N TYR A 378 -2.66 11.23 12.34
CA TYR A 378 -3.29 12.46 11.90
C TYR A 378 -3.48 13.47 13.03
N ALA A 379 -3.79 12.95 14.23
CA ALA A 379 -4.03 13.80 15.39
C ALA A 379 -2.86 14.75 15.65
N GLY A 380 -1.65 14.26 15.46
CA GLY A 380 -0.46 15.07 15.64
C GLY A 380 0.09 15.63 14.35
N LEU A 381 0.07 14.81 13.30
CA LEU A 381 0.71 15.17 12.03
C LEU A 381 -0.07 16.19 11.20
N ARG A 382 -1.30 16.49 11.60
CA ARG A 382 -2.08 17.49 10.88
C ARG A 382 -1.53 18.90 11.13
N ASP A 383 -0.66 19.02 12.13
CA ASP A 383 0.02 20.28 12.41
C ASP A 383 0.89 20.71 11.23
N LEU A 384 1.26 19.74 10.40
CA LEU A 384 2.12 20.00 9.25
C LEU A 384 1.42 20.85 8.19
N LYS A 385 0.10 20.89 8.25
CA LYS A 385 -0.68 21.69 7.30
C LYS A 385 -0.46 23.19 7.51
N GLU A 386 -0.14 23.57 8.74
CA GLU A 386 0.13 24.97 9.06
C GLU A 386 1.62 25.28 9.04
N GLN A 387 2.44 24.31 8.64
CA GLN A 387 3.87 24.55 8.49
C GLN A 387 4.24 24.76 7.04
N ASP A 388 4.84 25.91 6.74
CA ASP A 388 5.39 26.15 5.42
C ASP A 388 6.64 25.29 5.26
N GLY A 389 6.76 24.64 4.11
CA GLY A 389 7.87 23.74 3.89
C GLY A 389 7.42 22.29 4.01
N PHE A 390 6.21 22.10 4.53
CA PHE A 390 5.59 20.78 4.60
C PHE A 390 4.34 20.73 3.76
N ILE A 391 4.17 19.65 3.00
CA ILE A 391 3.00 19.49 2.16
C ILE A 391 2.30 18.15 2.42
N LEU A 392 1.11 18.21 3.00
CA LEU A 392 0.27 17.02 3.09
C LEU A 392 -0.60 16.94 1.85
N PRO A 393 -0.94 15.73 1.41
CA PRO A 393 -1.86 15.64 0.28
C PRO A 393 -3.21 16.23 0.63
N LYS A 394 -3.80 16.94 -0.31
CA LYS A 394 -5.03 17.67 -0.08
C LYS A 394 -6.21 16.72 0.04
N ASN A 395 -6.29 15.77 -0.89
CA ASN A 395 -7.18 14.64 -0.73
C ASN A 395 -6.54 13.65 0.25
N ILE A 396 -6.45 14.07 1.51
CA ILE A 396 -5.64 13.39 2.50
C ILE A 396 -6.18 12.00 2.84
N GLN A 397 -7.44 11.75 2.47
CA GLN A 397 -8.06 10.45 2.70
C GLN A 397 -7.40 9.37 1.83
N GLU A 398 -6.72 9.79 0.77
CA GLU A 398 -6.09 8.86 -0.15
C GLU A 398 -4.57 8.84 0.02
N SER A 399 -4.11 9.19 1.21
CA SER A 399 -2.67 9.31 1.48
C SER A 399 -1.96 7.96 1.52
N ALA A 400 -2.69 6.91 1.90
CA ALA A 400 -2.10 5.58 2.03
C ALA A 400 -1.69 5.01 0.67
N TYR A 401 -2.46 5.35 -0.36
CA TYR A 401 -2.20 4.84 -1.69
C TYR A 401 -1.55 5.89 -2.59
N PHE A 402 -0.88 6.87 -1.98
CA PHE A 402 -0.27 7.96 -2.72
C PHE A 402 0.69 7.48 -3.80
N THR A 403 1.60 6.58 -3.41
CA THR A 403 2.65 6.11 -4.32
C THR A 403 2.08 5.31 -5.49
N SER A 404 1.18 4.37 -5.20
CA SER A 404 0.58 3.57 -6.24
C SER A 404 -0.30 4.42 -7.15
N ARG A 405 -0.94 5.43 -6.57
CA ARG A 405 -1.73 6.38 -7.35
C ARG A 405 -0.82 7.21 -8.26
N SER A 406 0.36 7.56 -7.75
CA SER A 406 1.35 8.28 -8.55
C SER A 406 1.80 7.43 -9.75
N TYR A 407 2.04 6.15 -9.50
CA TYR A 407 2.47 5.24 -10.55
C TYR A 407 1.37 5.03 -11.58
N LEU A 408 0.12 5.02 -11.13
CA LEU A 408 -1.02 4.88 -12.03
C LEU A 408 -1.13 6.08 -12.96
N ILE A 409 -1.06 7.27 -12.38
CA ILE A 409 -1.13 8.50 -13.16
C ILE A 409 0.01 8.56 -14.16
N ALA A 410 1.21 8.17 -13.73
CA ALA A 410 2.37 8.11 -14.61
C ALA A 410 2.13 7.13 -15.75
N ASN A 411 1.41 6.04 -15.44
CA ASN A 411 1.11 5.03 -16.43
C ASN A 411 0.13 5.53 -17.49
N LEU A 412 -0.90 6.25 -17.05
CA LEU A 412 -1.89 6.81 -17.96
C LEU A 412 -1.24 7.83 -18.89
N LEU A 413 -0.34 8.63 -18.34
CA LEU A 413 0.38 9.63 -19.13
C LEU A 413 1.27 8.96 -20.16
N GLU A 414 1.82 7.80 -19.81
CA GLU A 414 2.64 7.02 -20.72
C GLU A 414 1.82 6.57 -21.92
N GLN A 415 0.60 6.09 -21.65
CA GLN A 415 -0.29 5.62 -22.71
C GLN A 415 -1.10 6.76 -23.32
N LEU A 416 -0.45 7.91 -23.52
CA LEU A 416 -1.10 9.07 -24.13
C LEU A 416 -0.15 9.80 -25.08
MG MG B . 4.26 1.83 1.24
PB ADP C . 2.81 0.11 3.56
O1B ADP C . 2.10 -1.18 3.23
O2B ADP C . 4.17 -0.06 4.18
O3B ADP C . 2.78 1.13 2.45
PA ADP C . 0.83 1.92 4.48
O1A ADP C . -0.24 1.47 3.51
O2A ADP C . 1.58 3.20 4.20
O3A ADP C . 1.92 0.75 4.73
O5' ADP C . 0.16 2.03 5.94
C5' ADP C . 0.83 2.68 7.01
C4' ADP C . -0.02 2.53 8.26
O4' ADP C . -1.11 3.46 8.22
C3' ADP C . -0.62 1.14 8.37
O3' ADP C . -0.36 0.65 9.69
C2' ADP C . -2.11 1.33 8.19
O2' ADP C . -2.85 0.45 9.03
C1' ADP C . -2.32 2.79 8.57
N9 ADP C . -3.48 3.39 7.87
C8 ADP C . -3.77 3.32 6.55
N7 ADP C . -4.91 3.99 6.27
C5 ADP C . -5.38 4.52 7.43
C6 ADP C . -6.54 5.33 7.86
N6 ADP C . -7.46 5.76 6.97
N1 ADP C . -6.62 5.65 9.17
C2 ADP C . -5.71 5.24 10.07
N3 ADP C . -4.64 4.49 9.75
C4 ADP C . -4.43 4.11 8.47
#